data_6R4C
#
_entry.id   6R4C
#
_cell.length_a   81.586
_cell.length_b   81.586
_cell.length_c   175.625
_cell.angle_alpha   90.00
_cell.angle_beta   90.00
_cell.angle_gamma   120.00
#
_symmetry.space_group_name_H-M   'P 61 2 2'
#
loop_
_entity.id
_entity.type
_entity.pdbx_description
1 polymer 'Aurora kinase A'
2 non-polymer "ADENOSINE-5'-DIPHOSPHATE"
3 non-polymer 'MAGNESIUM ION'
4 non-polymer 'CHLORIDE ION'
5 non-polymer 'ethyl 2-[(2~{R})-1-[(4-methylphenyl)methyl]-3-oxidanylidene-piperazin-2-yl]ethanoate'
6 water water
#
_entity_poly.entity_id   1
_entity_poly.type   'polypeptide(L)'
_entity_poly.pdbx_seq_one_letter_code
;GAMESKKRQWALEDFEIGRPLGKGKFGNVYLAREKQSKFILALKVLFKAQLEKAGVEHQLRREVEIQSHLRHPNILRLYG
YFHDATRVYLILEYAPLGTVYRELQKLSKFDEQRTATYITELANALSYCHSKRVIHRDIKPENLLLGSAGELKIADFGWS
VHAPSSRRT(TPO)LAGTLDYLPPEMIEGRMHDEKVDLWSLGVLCYEFLVGKPPFEANTYQETYKRISRVEFTFPDFVTE
GARDLISRLLKHNPSQRPMLREVLEHPWITANSSKPSNAQNKESASKQS
;
_entity_poly.pdbx_strand_id   A
#
loop_
_chem_comp.id
_chem_comp.type
_chem_comp.name
_chem_comp.formula
ADP non-polymer ADENOSINE-5'-DIPHOSPHATE 'C10 H15 N5 O10 P2'
CL non-polymer 'CHLORIDE ION' 'Cl -1'
JRQ non-polymer 'ethyl 2-[(2~{R})-1-[(4-methylphenyl)methyl]-3-oxidanylidene-piperazin-2-yl]ethanoate' 'C16 H22 N2 O3'
MG non-polymer 'MAGNESIUM ION' 'Mg 2'
#
# COMPACT_ATOMS: atom_id res chain seq x y z
N GLN A 9 -23.64 2.88 -18.65
CA GLN A 9 -22.60 2.21 -19.42
C GLN A 9 -22.46 0.75 -18.98
N TRP A 10 -21.54 0.46 -18.06
CA TRP A 10 -21.33 -0.93 -17.60
C TRP A 10 -22.42 -1.39 -16.63
N ALA A 11 -22.74 -2.69 -16.68
CA ALA A 11 -23.64 -3.32 -15.73
C ALA A 11 -23.16 -4.76 -15.44
N LEU A 12 -23.65 -5.35 -14.35
CA LEU A 12 -23.26 -6.69 -13.93
C LEU A 12 -23.41 -7.73 -15.05
N GLU A 13 -24.51 -7.63 -15.81
CA GLU A 13 -24.77 -8.59 -16.87
C GLU A 13 -23.71 -8.58 -17.98
N ASP A 14 -22.82 -7.59 -17.97
CA ASP A 14 -21.72 -7.57 -18.93
C ASP A 14 -20.55 -8.50 -18.55
N PHE A 15 -20.60 -9.10 -17.36
CA PHE A 15 -19.46 -9.91 -16.86
C PHE A 15 -19.82 -11.33 -16.41
N GLU A 16 -18.88 -12.27 -16.65
CA GLU A 16 -18.94 -13.56 -16.01
C GLU A 16 -18.00 -13.51 -14.81
N ILE A 17 -18.50 -13.93 -13.66
CA ILE A 17 -17.74 -13.81 -12.41
C ILE A 17 -17.06 -15.14 -12.09
N GLY A 18 -15.85 -15.07 -11.54
CA GLY A 18 -15.06 -16.26 -11.26
C GLY A 18 -14.64 -16.35 -9.82
N ARG A 19 -13.47 -16.94 -9.56
CA ARG A 19 -13.10 -17.22 -8.18
C ARG A 19 -12.78 -15.96 -7.40
N PRO A 20 -13.01 -16.02 -6.07
CA PRO A 20 -12.67 -14.95 -5.14
C PRO A 20 -11.15 -14.72 -5.11
N LEU A 21 -10.74 -13.48 -5.33
CA LEU A 21 -9.32 -13.13 -5.27
C LEU A 21 -8.88 -12.69 -3.87
N GLY A 22 -9.78 -12.07 -3.11
CA GLY A 22 -9.44 -11.65 -1.76
C GLY A 22 -10.56 -10.87 -1.07
N LYS A 23 -10.42 -10.64 0.23
CA LYS A 23 -11.44 -9.87 0.95
C LYS A 23 -10.79 -8.83 1.84
N GLY A 24 -11.29 -7.59 1.76
CA GLY A 24 -10.84 -6.53 2.64
C GLY A 24 -11.95 -6.12 3.58
N LYS A 25 -11.82 -4.95 4.20
CA LYS A 25 -12.83 -4.44 5.12
C LYS A 25 -14.16 -4.25 4.42
N PHE A 26 -14.12 -3.57 3.28
CA PHE A 26 -15.32 -3.32 2.51
C PHE A 26 -15.32 -4.10 1.21
N GLY A 27 -14.12 -4.28 0.65
CA GLY A 27 -13.96 -4.92 -0.64
C GLY A 27 -14.06 -6.44 -0.66
N ASN A 28 -14.98 -6.95 -1.47
CA ASN A 28 -15.00 -8.37 -1.83
C ASN A 28 -14.59 -8.50 -3.29
N VAL A 29 -13.41 -9.04 -3.55
CA VAL A 29 -12.80 -8.93 -4.88
C VAL A 29 -12.82 -10.26 -5.67
N TYR A 30 -13.35 -10.23 -6.90
CA TYR A 30 -13.51 -11.43 -7.73
C TYR A 30 -12.82 -11.35 -9.08
N LEU A 31 -12.33 -12.48 -9.57
CA LEU A 31 -11.91 -12.56 -10.95
C LEU A 31 -13.16 -12.42 -11.84
N ALA A 32 -13.04 -11.79 -13.00
CA ALA A 32 -14.18 -11.65 -13.90
C ALA A 32 -13.72 -11.48 -15.35
N ARG A 33 -14.58 -11.85 -16.29
CA ARG A 33 -14.28 -11.69 -17.72
C ARG A 33 -15.41 -10.92 -18.40
N GLU A 34 -15.06 -9.83 -19.09
CA GLU A 34 -16.03 -9.06 -19.87
C GLU A 34 -16.48 -9.89 -21.09
N LYS A 35 -17.79 -10.04 -21.25
CA LYS A 35 -18.35 -11.00 -22.20
C LYS A 35 -18.00 -10.75 -23.68
N GLN A 36 -18.08 -9.51 -24.14
CA GLN A 36 -17.89 -9.24 -25.57
C GLN A 36 -16.42 -9.32 -25.98
N SER A 37 -15.54 -8.80 -25.12
CA SER A 37 -14.13 -8.74 -25.44
C SER A 37 -13.30 -9.91 -24.90
N LYS A 38 -13.85 -10.64 -23.92
CA LYS A 38 -13.11 -11.68 -23.17
C LYS A 38 -11.99 -11.10 -22.30
N PHE A 39 -12.07 -9.80 -22.01
CA PHE A 39 -11.05 -9.12 -21.21
C PHE A 39 -11.10 -9.57 -19.75
N ILE A 40 -9.99 -10.06 -19.23
CA ILE A 40 -9.94 -10.50 -17.84
C ILE A 40 -9.54 -9.34 -16.92
N LEU A 41 -10.21 -9.26 -15.77
CA LEU A 41 -10.03 -8.14 -14.84
C LEU A 41 -10.44 -8.54 -13.44
N ALA A 42 -10.31 -7.62 -12.48
CA ALA A 42 -10.76 -7.83 -11.10
C ALA A 42 -11.92 -6.92 -10.77
N LEU A 43 -12.99 -7.50 -10.24
CA LEU A 43 -14.17 -6.73 -9.87
C LEU A 43 -14.20 -6.58 -8.34
N LYS A 44 -14.03 -5.36 -7.87
CA LYS A 44 -14.04 -5.05 -6.44
C LYS A 44 -15.46 -4.66 -5.99
N VAL A 45 -16.09 -5.51 -5.19
CA VAL A 45 -17.51 -5.32 -4.86
C VAL A 45 -17.70 -4.70 -3.46
N LEU A 46 -18.53 -3.66 -3.40
CA LEU A 46 -18.74 -2.94 -2.14
C LEU A 46 -20.22 -2.81 -1.82
N PHE A 47 -20.59 -2.99 -0.56
CA PHE A 47 -21.98 -2.93 -0.14
C PHE A 47 -22.37 -1.53 0.33
N LYS A 48 -23.30 -0.90 -0.37
CA LYS A 48 -23.69 0.49 -0.08
C LYS A 48 -24.09 0.69 1.38
N ALA A 49 -24.74 -0.31 1.96
CA ALA A 49 -25.18 -0.22 3.34
C ALA A 49 -23.98 -0.06 4.28
N GLN A 50 -22.94 -0.86 4.07
CA GLN A 50 -21.74 -0.76 4.89
C GLN A 50 -21.00 0.55 4.66
N LEU A 51 -20.93 0.98 3.40
CA LEU A 51 -20.27 2.24 3.07
C LEU A 51 -20.96 3.40 3.77
N GLU A 52 -22.29 3.29 3.91
CA GLU A 52 -23.09 4.35 4.51
C GLU A 52 -22.97 4.32 6.03
N LYS A 53 -23.11 3.14 6.62
CA LYS A 53 -23.01 3.00 8.07
C LYS A 53 -21.67 3.51 8.60
N ALA A 54 -20.60 3.30 7.85
CA ALA A 54 -19.28 3.75 8.28
C ALA A 54 -18.96 5.15 7.73
N GLY A 55 -19.84 5.66 6.88
CA GLY A 55 -19.70 7.00 6.32
C GLY A 55 -18.41 7.23 5.58
N VAL A 56 -18.08 6.31 4.66
CA VAL A 56 -16.83 6.44 3.91
C VAL A 56 -17.07 6.59 2.41
N GLU A 57 -18.17 7.26 2.06
CA GLU A 57 -18.44 7.56 0.67
C GLU A 57 -17.31 8.36 0.05
N HIS A 58 -16.74 9.25 0.87
CA HIS A 58 -15.69 10.16 0.43
C HIS A 58 -14.41 9.41 0.10
N GLN A 59 -14.24 8.25 0.72
CA GLN A 59 -13.05 7.45 0.45
C GLN A 59 -13.21 6.72 -0.88
N LEU A 60 -14.40 6.17 -1.10
CA LEU A 60 -14.75 5.57 -2.39
C LEU A 60 -14.50 6.56 -3.52
N ARG A 61 -14.92 7.81 -3.30
CA ARG A 61 -14.75 8.85 -4.32
C ARG A 61 -13.27 9.15 -4.58
N ARG A 62 -12.46 9.20 -3.52
CA ARG A 62 -11.02 9.44 -3.66
C ARG A 62 -10.36 8.34 -4.48
N GLU A 63 -10.68 7.09 -4.13
CA GLU A 63 -10.13 5.92 -4.82
C GLU A 63 -10.35 5.99 -6.33
N VAL A 64 -11.60 6.22 -6.74
CA VAL A 64 -11.94 6.30 -8.15
C VAL A 64 -11.24 7.50 -8.82
N GLU A 65 -11.38 8.69 -8.23
CA GLU A 65 -10.77 9.89 -8.78
C GLU A 65 -9.27 9.75 -8.99
N ILE A 66 -8.55 9.43 -7.92
CA ILE A 66 -7.10 9.32 -7.97
C ILE A 66 -6.59 8.19 -8.88
N GLN A 67 -7.11 6.99 -8.68
CA GLN A 67 -6.51 5.82 -9.30
C GLN A 67 -6.85 5.70 -10.80
N SER A 68 -7.89 6.40 -11.24
CA SER A 68 -8.26 6.37 -12.66
C SER A 68 -7.45 7.37 -13.48
N HIS A 69 -6.85 8.37 -12.83
CA HIS A 69 -6.10 9.38 -13.56
C HIS A 69 -4.59 9.14 -13.49
N LEU A 70 -4.14 8.42 -12.47
CA LEU A 70 -2.74 7.98 -12.36
C LEU A 70 -2.36 6.98 -13.45
N ARG A 71 -1.17 7.13 -14.03
CA ARG A 71 -0.65 6.18 -15.00
C ARG A 71 0.82 5.89 -14.76
N HIS A 72 1.10 4.76 -14.11
CA HIS A 72 2.47 4.36 -13.78
C HIS A 72 2.52 2.83 -13.74
N PRO A 73 3.63 2.22 -14.18
CA PRO A 73 3.69 0.76 -14.28
C PRO A 73 3.64 0.08 -12.91
N ASN A 74 3.97 0.81 -11.85
CA ASN A 74 3.94 0.27 -10.50
C ASN A 74 2.72 0.74 -9.70
N ILE A 75 1.70 1.20 -10.41
CA ILE A 75 0.43 1.59 -9.78
C ILE A 75 -0.72 0.87 -10.49
N LEU A 76 -1.59 0.21 -9.73
CA LEU A 76 -2.71 -0.57 -10.28
C LEU A 76 -3.76 0.35 -10.91
N ARG A 77 -4.15 0.03 -12.14
CA ARG A 77 -5.13 0.81 -12.88
C ARG A 77 -6.54 0.55 -12.38
N LEU A 78 -7.37 1.61 -12.37
CA LEU A 78 -8.81 1.45 -12.23
C LEU A 78 -9.45 1.94 -13.51
N TYR A 79 -10.18 1.06 -14.19
CA TYR A 79 -10.74 1.38 -15.51
C TYR A 79 -12.12 2.02 -15.44
N GLY A 80 -12.87 1.78 -14.37
CA GLY A 80 -14.21 2.33 -14.27
C GLY A 80 -15.03 1.75 -13.13
N TYR A 81 -16.33 2.07 -13.11
CA TYR A 81 -17.20 1.65 -12.02
C TYR A 81 -18.66 1.70 -12.47
N PHE A 82 -19.50 0.94 -11.77
CA PHE A 82 -20.96 0.99 -11.94
C PHE A 82 -21.59 0.60 -10.61
N HIS A 83 -22.92 0.66 -10.53
CA HIS A 83 -23.62 0.29 -9.30
C HIS A 83 -25.05 -0.17 -9.53
N ASP A 84 -25.57 -0.98 -8.63
CA ASP A 84 -26.99 -1.31 -8.63
C ASP A 84 -27.62 -0.86 -7.31
N ALA A 85 -28.78 -1.41 -6.98
CA ALA A 85 -29.54 -0.95 -5.82
C ALA A 85 -28.80 -1.15 -4.50
N THR A 86 -27.93 -2.16 -4.43
CA THR A 86 -27.29 -2.49 -3.16
C THR A 86 -25.76 -2.47 -3.15
N ARG A 87 -25.14 -2.40 -4.32
CA ARG A 87 -23.70 -2.53 -4.41
C ARG A 87 -23.03 -1.55 -5.36
N VAL A 88 -21.75 -1.30 -5.10
CA VAL A 88 -20.87 -0.57 -6.02
C VAL A 88 -19.76 -1.51 -6.52
N TYR A 89 -19.50 -1.45 -7.81
CA TYR A 89 -18.48 -2.28 -8.46
C TYR A 89 -17.34 -1.44 -9.01
N LEU A 90 -16.11 -1.67 -8.55
CA LEU A 90 -14.95 -1.03 -9.17
C LEU A 90 -14.27 -2.00 -10.14
N ILE A 91 -14.02 -1.55 -11.37
CA ILE A 91 -13.38 -2.37 -12.40
C ILE A 91 -11.86 -2.14 -12.41
N LEU A 92 -11.10 -3.13 -11.94
CA LEU A 92 -9.65 -2.99 -11.73
C LEU A 92 -8.80 -3.86 -12.65
N GLU A 93 -7.59 -3.38 -12.91
CA GLU A 93 -6.54 -4.22 -13.46
C GLU A 93 -6.35 -5.47 -12.60
N TYR A 94 -6.39 -6.65 -13.22
CA TYR A 94 -6.12 -7.90 -12.52
C TYR A 94 -4.61 -8.11 -12.30
N ALA A 95 -4.20 -8.39 -11.06
CA ALA A 95 -2.80 -8.69 -10.73
C ALA A 95 -2.61 -10.20 -10.50
N PRO A 96 -1.99 -10.89 -11.47
CA PRO A 96 -2.05 -12.36 -11.54
C PRO A 96 -1.20 -13.11 -10.53
N LEU A 97 -0.20 -12.46 -9.95
CA LEU A 97 0.68 -13.14 -9.01
C LEU A 97 0.36 -12.82 -7.55
N GLY A 98 -0.76 -12.14 -7.32
CA GLY A 98 -1.28 -11.98 -5.96
C GLY A 98 -0.63 -10.88 -5.15
N THR A 99 -0.69 -11.01 -3.82
CA THR A 99 -0.17 -9.97 -2.90
C THR A 99 1.24 -10.25 -2.37
N VAL A 100 1.95 -9.18 -2.04
CA VAL A 100 3.22 -9.30 -1.31
C VAL A 100 2.98 -9.93 0.05
N TYR A 101 1.80 -9.66 0.63
CA TYR A 101 1.41 -10.29 1.91
C TYR A 101 1.49 -11.80 1.80
N ARG A 102 0.91 -12.33 0.72
CA ARG A 102 0.89 -13.78 0.51
C ARG A 102 2.29 -14.33 0.31
N GLU A 103 3.12 -13.61 -0.43
CA GLU A 103 4.47 -14.07 -0.76
C GLU A 103 5.34 -14.15 0.49
N LEU A 104 5.14 -13.20 1.40
CA LEU A 104 5.84 -13.18 2.68
C LEU A 104 5.43 -14.36 3.58
N GLN A 105 4.15 -14.70 3.59
CA GLN A 105 3.71 -15.88 4.33
C GLN A 105 4.35 -17.15 3.78
N LYS A 106 4.49 -17.20 2.47
CA LYS A 106 5.08 -18.37 1.81
C LYS A 106 6.55 -18.51 2.16
N LEU A 107 7.32 -17.43 1.99
CA LEU A 107 8.77 -17.51 2.09
C LEU A 107 9.34 -17.18 3.48
N SER A 108 8.53 -16.58 4.34
CA SER A 108 8.92 -16.16 5.71
C SER A 108 9.69 -14.84 5.77
N LYS A 109 10.82 -14.77 5.07
CA LYS A 109 11.58 -13.53 4.91
C LYS A 109 12.07 -13.43 3.48
N PHE A 110 12.36 -12.21 3.01
CA PHE A 110 12.88 -11.98 1.66
C PHE A 110 14.39 -11.77 1.73
N ASP A 111 15.14 -12.17 0.70
CA ASP A 111 16.59 -11.88 0.72
C ASP A 111 16.82 -10.41 0.37
N GLU A 112 18.07 -9.97 0.44
CA GLU A 112 18.37 -8.56 0.25
C GLU A 112 18.06 -8.09 -1.17
N GLN A 113 18.27 -8.96 -2.16
CA GLN A 113 18.01 -8.59 -3.56
C GLN A 113 16.52 -8.39 -3.85
N ARG A 114 15.70 -9.34 -3.41
CA ARG A 114 14.25 -9.23 -3.54
C ARG A 114 13.74 -7.96 -2.86
N THR A 115 14.18 -7.73 -1.63
CA THR A 115 13.76 -6.59 -0.81
C THR A 115 14.10 -5.25 -1.45
N ALA A 116 15.38 -5.06 -1.79
CA ALA A 116 15.85 -3.86 -2.48
C ALA A 116 15.13 -3.60 -3.80
N THR A 117 14.79 -4.67 -4.52
CA THR A 117 14.06 -4.54 -5.77
C THR A 117 12.63 -4.03 -5.50
N TYR A 118 11.93 -4.63 -4.52
CA TYR A 118 10.60 -4.15 -4.15
C TYR A 118 10.64 -2.69 -3.66
N ILE A 119 11.66 -2.32 -2.89
CA ILE A 119 11.75 -0.97 -2.34
C ILE A 119 11.97 0.06 -3.45
N THR A 120 12.73 -0.32 -4.47
CA THR A 120 12.93 0.56 -5.63
C THR A 120 11.63 0.79 -6.38
N GLU A 121 10.89 -0.29 -6.63
CA GLU A 121 9.62 -0.20 -7.34
C GLU A 121 8.63 0.65 -6.55
N LEU A 122 8.61 0.49 -5.23
CA LEU A 122 7.78 1.31 -4.35
C LEU A 122 8.18 2.78 -4.41
N ALA A 123 9.47 3.05 -4.33
CA ALA A 123 9.97 4.43 -4.35
C ALA A 123 9.68 5.12 -5.67
N ASN A 124 9.71 4.36 -6.77
CA ASN A 124 9.39 4.93 -8.08
C ASN A 124 7.93 5.34 -8.15
N ALA A 125 7.06 4.45 -7.67
CA ALA A 125 5.62 4.70 -7.67
C ALA A 125 5.29 5.89 -6.79
N LEU A 126 5.88 5.94 -5.60
CA LEU A 126 5.62 7.02 -4.64
C LEU A 126 6.17 8.35 -5.13
N SER A 127 7.27 8.31 -5.87
CA SER A 127 7.82 9.53 -6.44
C SER A 127 6.85 10.13 -7.46
N TYR A 128 6.23 9.29 -8.28
CA TYR A 128 5.18 9.72 -9.20
C TYR A 128 4.01 10.36 -8.43
N CYS A 129 3.50 9.68 -7.42
CA CYS A 129 2.38 10.19 -6.61
C CYS A 129 2.70 11.53 -5.94
N HIS A 130 3.84 11.61 -5.28
CA HIS A 130 4.21 12.78 -4.49
C HIS A 130 4.41 14.01 -5.37
N SER A 131 4.71 13.79 -6.64
CA SER A 131 4.93 14.90 -7.56
C SER A 131 3.61 15.63 -7.81
N LYS A 132 2.49 14.96 -7.54
CA LYS A 132 1.18 15.59 -7.60
C LYS A 132 0.66 15.90 -6.19
N ARG A 133 1.55 15.78 -5.21
CA ARG A 133 1.20 15.90 -3.80
C ARG A 133 0.08 14.95 -3.40
N VAL A 134 0.02 13.78 -4.05
CA VAL A 134 -0.87 12.72 -3.57
C VAL A 134 -0.14 11.84 -2.57
N ILE A 135 -0.71 11.64 -1.39
CA ILE A 135 -0.12 10.73 -0.41
C ILE A 135 -1.04 9.53 -0.17
N HIS A 136 -0.44 8.34 -0.09
CA HIS A 136 -1.23 7.09 -0.06
C HIS A 136 -1.77 6.81 1.34
N ARG A 137 -0.86 6.83 2.34
CA ARG A 137 -1.19 6.70 3.77
C ARG A 137 -1.53 5.27 4.26
N ASP A 138 -1.67 4.30 3.36
CA ASP A 138 -2.11 2.94 3.77
C ASP A 138 -1.29 1.88 3.04
N ILE A 139 0.01 2.13 2.94
CA ILE A 139 0.97 1.24 2.33
C ILE A 139 1.30 0.06 3.24
N LYS A 140 0.73 -1.10 2.95
CA LYS A 140 1.06 -2.34 3.66
C LYS A 140 0.92 -3.53 2.71
N PRO A 141 1.54 -4.67 3.07
CA PRO A 141 1.71 -5.79 2.13
C PRO A 141 0.40 -6.29 1.48
N GLU A 142 -0.74 -6.23 2.17
CA GLU A 142 -2.03 -6.65 1.58
C GLU A 142 -2.49 -5.74 0.45
N ASN A 143 -1.92 -4.55 0.40
CA ASN A 143 -2.30 -3.56 -0.61
C ASN A 143 -1.23 -3.44 -1.69
N LEU A 144 -0.24 -4.32 -1.65
CA LEU A 144 0.81 -4.36 -2.67
C LEU A 144 0.64 -5.62 -3.55
N LEU A 145 0.39 -5.42 -4.84
CA LEU A 145 0.03 -6.54 -5.72
C LEU A 145 1.18 -6.86 -6.68
N LEU A 146 1.11 -8.02 -7.33
CA LEU A 146 2.20 -8.45 -8.20
C LEU A 146 1.75 -8.71 -9.63
N GLY A 147 2.43 -8.07 -10.60
CA GLY A 147 2.10 -8.22 -12.01
C GLY A 147 2.56 -9.53 -12.62
N SER A 148 2.32 -9.71 -13.92
CA SER A 148 2.65 -10.97 -14.59
C SER A 148 4.14 -11.23 -14.62
N ALA A 149 4.96 -10.17 -14.53
CA ALA A 149 6.40 -10.35 -14.50
C ALA A 149 6.95 -10.24 -13.08
N GLY A 150 6.07 -10.23 -12.09
CA GLY A 150 6.48 -10.19 -10.70
C GLY A 150 6.77 -8.79 -10.20
N GLU A 151 6.40 -7.78 -11.00
CA GLU A 151 6.64 -6.38 -10.64
C GLU A 151 5.61 -5.92 -9.62
N LEU A 152 6.05 -5.09 -8.67
CA LEU A 152 5.20 -4.63 -7.59
C LEU A 152 4.22 -3.53 -8.06
N LYS A 153 2.98 -3.57 -7.57
CA LYS A 153 1.97 -2.59 -7.93
C LYS A 153 1.20 -2.09 -6.70
N ILE A 154 1.23 -0.78 -6.46
CA ILE A 154 0.49 -0.20 -5.34
C ILE A 154 -1.02 -0.08 -5.64
N ALA A 155 -1.85 -0.50 -4.69
CA ALA A 155 -3.31 -0.52 -4.85
C ALA A 155 -4.05 0.04 -3.61
N ASP A 156 -5.39 0.06 -3.67
CA ASP A 156 -6.26 0.47 -2.55
C ASP A 156 -6.03 1.93 -2.13
N PHE A 157 -6.38 2.86 -2.99
CA PHE A 157 -6.13 4.29 -2.75
C PHE A 157 -7.22 4.96 -1.93
N GLY A 158 -8.05 4.18 -1.24
CA GLY A 158 -9.17 4.73 -0.48
C GLY A 158 -8.80 5.69 0.63
N TRP A 159 -7.62 5.51 1.23
CA TRP A 159 -7.15 6.38 2.30
C TRP A 159 -6.30 7.56 1.78
N SER A 160 -6.11 7.65 0.46
CA SER A 160 -5.21 8.68 -0.09
C SER A 160 -5.83 10.07 -0.01
N VAL A 161 -4.97 11.11 -0.03
CA VAL A 161 -5.38 12.51 0.02
C VAL A 161 -4.32 13.41 -0.58
N HIS A 162 -4.62 14.72 -0.61
CA HIS A 162 -3.64 15.73 -0.99
C HIS A 162 -3.05 16.43 0.24
N ALA A 163 -1.72 16.56 0.26
CA ALA A 163 -1.00 17.14 1.38
C ALA A 163 -0.91 18.66 1.28
N PRO A 164 -0.85 19.35 2.43
CA PRO A 164 -0.91 18.75 3.77
C PRO A 164 -2.31 18.30 4.16
N SER A 165 -2.46 17.62 5.30
CA SER A 165 -3.75 17.05 5.66
C SER A 165 -3.89 16.75 7.17
N SER A 166 -5.14 16.75 7.61
CA SER A 166 -5.52 16.27 8.93
C SER A 166 -6.14 14.86 8.76
N ARG A 167 -6.68 14.29 9.83
CA ARG A 167 -7.43 13.04 9.68
C ARG A 167 -8.84 13.20 10.24
N ARG A 168 -9.82 13.04 9.37
CA ARG A 168 -11.22 13.23 9.72
C ARG A 168 -11.92 11.88 9.89
N THR A 169 -11.19 10.81 9.60
CA THR A 169 -11.75 9.46 9.64
C THR A 169 -11.14 8.60 10.75
N TPO A 170 -12.00 7.82 11.41
CA TPO A 170 -11.59 6.88 12.43
CB TPO A 170 -12.83 6.23 13.08
CG2 TPO A 170 -12.41 5.21 14.15
OG1 TPO A 170 -13.66 7.24 13.68
P TPO A 170 -15.12 7.30 12.97
O1P TPO A 170 -15.01 7.78 11.44
O2P TPO A 170 -15.76 5.96 12.98
O3P TPO A 170 -16.05 8.34 13.78
C TPO A 170 -10.64 5.81 11.86
O TPO A 170 -10.89 5.25 10.78
N LEU A 171 -9.55 5.54 12.57
CA LEU A 171 -8.62 4.50 12.16
C LEU A 171 -9.28 3.12 12.23
N ALA A 172 -8.86 2.20 11.37
CA ALA A 172 -9.52 0.91 11.31
C ALA A 172 -8.84 -0.14 12.19
N GLY A 173 -7.96 -0.93 11.60
CA GLY A 173 -7.35 -2.05 12.31
C GLY A 173 -5.96 -1.78 12.88
N THR A 174 -4.96 -2.44 12.31
CA THR A 174 -3.60 -2.40 12.82
C THR A 174 -2.93 -1.02 12.69
N LEU A 175 -2.15 -0.64 13.70
CA LEU A 175 -1.40 0.62 13.65
C LEU A 175 0.00 0.43 13.01
N ASP A 176 0.31 -0.81 12.64
CA ASP A 176 1.71 -1.22 12.43
C ASP A 176 2.50 -0.39 11.40
N TYR A 177 1.82 0.19 10.42
CA TYR A 177 2.54 0.88 9.34
C TYR A 177 2.44 2.41 9.42
N LEU A 178 1.70 2.92 10.40
CA LEU A 178 1.48 4.38 10.54
C LEU A 178 2.54 5.08 11.40
N PRO A 179 2.95 6.30 10.99
CA PRO A 179 3.94 7.09 11.73
C PRO A 179 3.34 7.79 12.95
N PRO A 180 4.19 8.29 13.87
CA PRO A 180 3.68 8.94 15.08
C PRO A 180 2.67 10.06 14.83
N GLU A 181 2.88 10.87 13.80
CA GLU A 181 2.01 12.04 13.59
C GLU A 181 0.64 11.64 13.08
N MET A 182 0.52 10.48 12.42
CA MET A 182 -0.80 10.01 12.02
C MET A 182 -1.57 9.39 13.18
N ILE A 183 -0.89 8.59 14.00
CA ILE A 183 -1.60 7.97 15.12
C ILE A 183 -1.97 8.99 16.19
N GLU A 184 -1.14 10.03 16.33
CA GLU A 184 -1.42 11.07 17.31
C GLU A 184 -2.36 12.11 16.72
N GLY A 185 -2.79 11.88 15.48
CA GLY A 185 -3.80 12.71 14.85
C GLY A 185 -3.36 14.11 14.48
N ARG A 186 -2.04 14.31 14.41
CA ARG A 186 -1.49 15.63 14.09
C ARG A 186 -1.56 15.91 12.60
N MET A 187 -1.23 17.14 12.21
CA MET A 187 -1.06 17.48 10.79
C MET A 187 0.05 16.60 10.20
N HIS A 188 -0.05 16.29 8.90
CA HIS A 188 0.96 15.43 8.25
C HIS A 188 1.06 15.67 6.74
N ASP A 189 2.09 15.11 6.11
CA ASP A 189 2.29 15.28 4.68
C ASP A 189 2.88 14.03 4.00
N GLU A 190 3.59 14.25 2.89
CA GLU A 190 4.24 13.17 2.12
C GLU A 190 5.16 12.28 2.95
N LYS A 191 5.76 12.84 4.00
CA LYS A 191 6.70 12.07 4.80
C LYS A 191 6.08 10.84 5.51
N VAL A 192 4.75 10.80 5.62
CA VAL A 192 4.11 9.62 6.17
C VAL A 192 4.46 8.38 5.33
N ASP A 193 4.50 8.52 4.00
CA ASP A 193 4.74 7.35 3.13
C ASP A 193 6.21 6.92 3.25
N LEU A 194 7.09 7.85 3.63
CA LEU A 194 8.49 7.48 3.86
C LEU A 194 8.67 6.62 5.09
N TRP A 195 7.94 6.95 6.16
CA TRP A 195 7.95 6.12 7.37
C TRP A 195 7.48 4.68 7.04
N SER A 196 6.35 4.59 6.34
CA SER A 196 5.81 3.28 5.93
C SER A 196 6.82 2.49 5.10
N LEU A 197 7.55 3.16 4.21
CA LEU A 197 8.60 2.49 3.42
C LEU A 197 9.67 1.83 4.32
N GLY A 198 10.04 2.53 5.39
CA GLY A 198 10.96 2.01 6.39
C GLY A 198 10.42 0.77 7.11
N VAL A 199 9.15 0.83 7.51
CA VAL A 199 8.49 -0.31 8.15
C VAL A 199 8.52 -1.52 7.21
N LEU A 200 8.17 -1.30 5.95
CA LEU A 200 8.14 -2.38 4.95
C LEU A 200 9.52 -3.01 4.73
N CYS A 201 10.55 -2.18 4.54
CA CYS A 201 11.92 -2.70 4.35
C CYS A 201 12.32 -3.65 5.49
N TYR A 202 11.98 -3.27 6.72
CA TYR A 202 12.31 -4.06 7.90
C TYR A 202 11.52 -5.36 7.85
N GLU A 203 10.21 -5.24 7.62
CA GLU A 203 9.38 -6.44 7.61
C GLU A 203 9.81 -7.41 6.51
N PHE A 204 10.18 -6.92 5.32
CA PHE A 204 10.64 -7.79 4.23
C PHE A 204 11.87 -8.63 4.65
N LEU A 205 12.83 -8.00 5.33
CA LEU A 205 14.06 -8.69 5.73
C LEU A 205 13.91 -9.59 6.95
N VAL A 206 13.03 -9.21 7.88
CA VAL A 206 12.94 -9.86 9.20
C VAL A 206 11.74 -10.83 9.32
N GLY A 207 10.65 -10.56 8.61
CA GLY A 207 9.49 -11.46 8.62
C GLY A 207 8.32 -10.92 9.44
N LYS A 208 8.59 -9.85 10.18
CA LYS A 208 7.55 -9.12 10.92
C LYS A 208 7.89 -7.64 11.02
N PRO A 209 6.86 -6.77 11.21
CA PRO A 209 7.03 -5.31 11.33
C PRO A 209 7.70 -4.91 12.66
N PRO A 210 8.50 -3.82 12.62
CA PRO A 210 9.40 -3.49 13.74
C PRO A 210 8.72 -3.08 15.05
N PHE A 211 7.46 -2.65 15.01
CA PHE A 211 6.79 -2.20 16.22
C PHE A 211 5.68 -3.16 16.68
N GLU A 212 5.69 -4.36 16.14
CA GLU A 212 4.63 -5.34 16.40
C GLU A 212 4.55 -5.66 17.90
N ALA A 213 3.33 -5.71 18.43
CA ALA A 213 3.12 -6.10 19.82
C ALA A 213 1.77 -6.79 20.00
N ASN A 214 1.46 -7.19 21.24
CA ASN A 214 0.27 -8.00 21.53
C ASN A 214 -1.02 -7.24 21.58
N THR A 215 -0.92 -5.94 21.85
CA THR A 215 -2.09 -5.10 22.02
C THR A 215 -1.94 -3.81 21.23
N TYR A 216 -3.07 -3.22 20.90
CA TYR A 216 -3.14 -1.93 20.25
C TYR A 216 -2.38 -0.91 21.08
N GLN A 217 -2.62 -0.99 22.39
CA GLN A 217 -2.07 -0.03 23.33
C GLN A 217 -0.54 -0.08 23.36
N GLU A 218 0.03 -1.28 23.41
CA GLU A 218 1.49 -1.43 23.41
C GLU A 218 2.11 -1.04 22.05
N THR A 219 1.43 -1.36 20.95
CA THR A 219 1.95 -1.00 19.61
C THR A 219 2.03 0.52 19.48
N TYR A 220 1.01 1.21 19.98
CA TYR A 220 0.98 2.67 19.98
C TYR A 220 2.19 3.23 20.72
N LYS A 221 2.47 2.69 21.91
CA LYS A 221 3.60 3.17 22.71
C LYS A 221 4.93 2.93 22.00
N ARG A 222 5.08 1.77 21.37
CA ARG A 222 6.30 1.41 20.64
C ARG A 222 6.53 2.34 19.43
N ILE A 223 5.48 2.63 18.68
CA ILE A 223 5.58 3.59 17.57
C ILE A 223 5.96 5.02 18.05
N SER A 224 5.28 5.53 19.06
CA SER A 224 5.51 6.92 19.45
C SER A 224 6.91 7.10 20.05
N ARG A 225 7.47 6.04 20.62
CA ARG A 225 8.82 6.07 21.20
C ARG A 225 9.90 5.58 20.22
N VAL A 226 9.46 5.18 19.03
CA VAL A 226 10.29 4.56 18.00
C VAL A 226 11.20 3.48 18.59
N GLU A 227 10.58 2.50 19.24
CA GLU A 227 11.35 1.44 19.88
C GLU A 227 11.42 0.20 19.02
N PHE A 228 12.54 0.03 18.31
CA PHE A 228 12.76 -1.16 17.50
C PHE A 228 14.23 -1.61 17.58
N THR A 229 14.47 -2.91 17.43
CA THR A 229 15.84 -3.47 17.40
C THR A 229 16.00 -4.43 16.22
N PHE A 230 17.24 -4.71 15.80
CA PHE A 230 17.53 -5.59 14.65
C PHE A 230 18.04 -6.97 15.08
N PRO A 231 17.59 -8.04 14.40
CA PRO A 231 18.26 -9.35 14.55
C PRO A 231 19.69 -9.28 14.01
N ASP A 232 20.56 -10.20 14.46
CA ASP A 232 21.96 -10.15 14.07
C ASP A 232 22.19 -10.25 12.55
N PHE A 233 21.28 -10.91 11.83
CA PHE A 233 21.51 -11.15 10.40
C PHE A 233 21.24 -9.94 9.50
N VAL A 234 20.65 -8.86 10.03
CA VAL A 234 20.41 -7.67 9.21
C VAL A 234 21.74 -6.91 9.02
N THR A 235 22.10 -6.65 7.76
CA THR A 235 23.43 -6.09 7.45
C THR A 235 23.54 -4.60 7.69
N GLU A 236 24.78 -4.10 7.77
CA GLU A 236 25.03 -2.69 8.10
C GLU A 236 24.27 -1.74 7.16
N GLY A 237 24.31 -2.02 5.87
CA GLY A 237 23.65 -1.17 4.88
C GLY A 237 22.14 -1.09 5.03
N ALA A 238 21.50 -2.23 5.27
CA ALA A 238 20.05 -2.24 5.50
C ALA A 238 19.71 -1.45 6.76
N ARG A 239 20.50 -1.67 7.82
CA ARG A 239 20.33 -0.95 9.07
C ARG A 239 20.40 0.56 8.85
N ASP A 240 21.38 1.01 8.06
CA ASP A 240 21.51 2.43 7.80
C ASP A 240 20.25 3.01 7.16
N LEU A 241 19.75 2.36 6.11
CA LEU A 241 18.58 2.85 5.39
C LEU A 241 17.32 2.88 6.27
N ILE A 242 17.09 1.78 6.98
CA ILE A 242 15.90 1.67 7.83
C ILE A 242 15.94 2.72 8.95
N SER A 243 17.11 2.91 9.55
CA SER A 243 17.22 3.88 10.64
C SER A 243 16.97 5.31 10.18
N ARG A 244 17.26 5.60 8.91
CA ARG A 244 17.07 6.95 8.37
C ARG A 244 15.60 7.23 8.07
N LEU A 245 14.87 6.19 7.65
CA LEU A 245 13.44 6.30 7.35
C LEU A 245 12.58 6.34 8.60
N LEU A 246 12.96 5.60 9.65
CA LEU A 246 12.16 5.58 10.87
C LEU A 246 12.62 6.66 11.87
N LYS A 247 12.47 7.92 11.48
CA LYS A 247 12.76 9.05 12.37
C LYS A 247 11.45 9.63 12.89
N HIS A 248 11.39 9.94 14.18
CA HIS A 248 10.19 10.53 14.77
C HIS A 248 9.80 11.83 14.09
N ASN A 249 10.79 12.70 13.89
CA ASN A 249 10.61 13.98 13.22
C ASN A 249 10.54 13.80 11.72
N PRO A 250 9.37 14.06 11.11
CA PRO A 250 9.23 13.76 9.68
C PRO A 250 10.19 14.55 8.80
N SER A 251 10.53 15.78 9.18
CA SER A 251 11.44 16.59 8.37
C SER A 251 12.84 15.96 8.27
N GLN A 252 13.14 15.02 9.15
CA GLN A 252 14.44 14.36 9.14
C GLN A 252 14.45 13.08 8.28
N ARG A 253 13.29 12.63 7.81
CA ARG A 253 13.26 11.46 6.93
C ARG A 253 13.74 11.88 5.53
N PRO A 254 14.49 11.00 4.85
CA PRO A 254 15.07 11.32 3.54
C PRO A 254 14.05 11.57 2.43
N MET A 255 14.52 12.19 1.35
CA MET A 255 13.78 12.28 0.10
C MET A 255 13.81 10.94 -0.62
N LEU A 256 12.82 10.69 -1.47
CA LEU A 256 12.77 9.43 -2.18
C LEU A 256 14.00 9.27 -3.08
N ARG A 257 14.50 10.38 -3.62
CA ARG A 257 15.73 10.36 -4.40
C ARG A 257 16.91 9.81 -3.61
N GLU A 258 16.95 10.11 -2.31
CA GLU A 258 18.04 9.62 -1.45
C GLU A 258 17.86 8.14 -1.16
N VAL A 259 16.62 7.68 -1.15
CA VAL A 259 16.36 6.25 -1.00
C VAL A 259 16.83 5.51 -2.26
N LEU A 260 16.43 6.00 -3.42
CA LEU A 260 16.77 5.34 -4.68
C LEU A 260 18.28 5.33 -4.95
N GLU A 261 19.02 6.29 -4.38
CA GLU A 261 20.47 6.35 -4.56
C GLU A 261 21.27 5.82 -3.37
N HIS A 262 20.61 5.28 -2.36
CA HIS A 262 21.30 4.67 -1.22
C HIS A 262 22.17 3.52 -1.70
N PRO A 263 23.44 3.43 -1.22
CA PRO A 263 24.37 2.39 -1.69
C PRO A 263 23.89 0.95 -1.45
N TRP A 264 23.13 0.71 -0.38
CA TRP A 264 22.62 -0.63 -0.14
C TRP A 264 21.54 -0.97 -1.18
N ILE A 265 20.76 0.03 -1.56
CA ILE A 265 19.77 -0.14 -2.63
C ILE A 265 20.43 -0.34 -4.00
N THR A 266 21.40 0.48 -4.36
CA THR A 266 22.02 0.33 -5.69
C THR A 266 22.86 -0.94 -5.77
N ALA A 267 23.34 -1.43 -4.63
CA ALA A 267 24.16 -2.63 -4.63
C ALA A 267 23.33 -3.89 -4.83
N ASN A 268 22.07 -3.86 -4.42
CA ASN A 268 21.28 -5.10 -4.32
C ASN A 268 20.04 -5.17 -5.23
N SER A 269 19.58 -4.03 -5.73
CA SER A 269 18.34 -4.00 -6.51
C SER A 269 18.52 -4.47 -7.95
N SER A 270 17.50 -5.12 -8.51
CA SER A 270 17.53 -5.57 -9.89
C SER A 270 17.00 -4.52 -10.88
N LYS A 271 16.35 -3.47 -10.37
CA LYS A 271 15.69 -2.47 -11.22
C LYS A 271 16.20 -1.05 -10.97
N PRO A 272 16.16 -0.19 -12.00
CA PRO A 272 16.57 1.22 -11.92
C PRO A 272 15.44 2.19 -11.53
N SER A 273 15.70 3.50 -11.67
CA SER A 273 14.72 4.54 -11.32
C SER A 273 13.73 4.83 -12.46
PB ADP B . -10.08 -2.95 0.83
O1B ADP B . -10.25 -1.60 0.18
O2B ADP B . -11.36 -3.46 1.45
O3B ADP B . -8.86 -3.15 1.69
PA ADP B . -8.65 -3.99 -1.45
O1A ADP B . -8.90 -3.23 -2.73
O2A ADP B . -7.34 -3.85 -0.73
O3A ADP B . -9.89 -3.95 -0.43
O5' ADP B . -8.73 -5.55 -1.91
C5' ADP B . -8.84 -6.59 -0.93
C4' ADP B . -7.95 -7.79 -1.29
O4' ADP B . -8.34 -8.39 -2.55
C3' ADP B . -6.47 -7.47 -1.49
O3' ADP B . -5.76 -7.52 -0.25
C2' ADP B . -6.00 -8.54 -2.44
O2' ADP B . -5.78 -9.75 -1.72
C1' ADP B . -7.22 -8.83 -3.31
N9 ADP B . -7.16 -8.02 -4.54
C8 ADP B . -7.62 -6.75 -4.60
N7 ADP B . -7.45 -6.21 -5.83
C5 ADP B . -6.90 -7.18 -6.61
C6 ADP B . -6.48 -7.26 -8.03
N6 ADP B . -6.63 -6.20 -8.85
N1 ADP B . -5.94 -8.43 -8.45
C2 ADP B . -5.79 -9.48 -7.62
N3 ADP B . -6.15 -9.47 -6.32
C4 ADP B . -6.71 -8.36 -5.75
MG MG C . -6.89 -3.09 1.19
MG MG D . -10.14 0.42 1.02
CL CL E . -7.86 18.00 6.63
CL CL F . -9.14 11.54 6.71
CL CL G . 12.51 13.00 -4.17
C10 JRQ H . -19.72 6.01 -7.46
C13 JRQ H . -17.51 8.02 -7.87
C15 JRQ H . -21.87 8.00 -8.42
C17 JRQ H . -22.11 8.85 -6.03
C20 JRQ H . -22.09 4.75 -3.38
C21 JRQ H . -22.41 4.48 -2.06
C01 JRQ H . -23.88 4.41 -0.13
C02 JRQ H . -23.66 4.74 -1.58
C03 JRQ H . -24.62 5.28 -2.44
C04 JRQ H . -24.30 5.56 -3.81
C05 JRQ H . -23.01 5.30 -4.27
C06 JRQ H . -22.49 5.49 -5.64
N07 JRQ H . -23.12 6.51 -6.59
C08 JRQ H . -22.34 6.57 -7.95
C09 JRQ H . -21.12 5.54 -8.07
O11 JRQ H . -19.64 7.20 -6.78
C12 JRQ H . -18.34 7.88 -6.57
O14 JRQ H . -18.74 5.32 -7.60
N16 JRQ H . -21.77 9.06 -7.46
C18 JRQ H . -23.30 7.89 -5.93
O19 JRQ H . -21.57 8.22 -9.54
H133 JRQ H . -16.54 8.54 -7.70
H131 JRQ H . -18.00 8.58 -8.69
H132 JRQ H . -17.22 7.08 -8.36
H171 JRQ H . -22.34 9.81 -5.51
H172 JRQ H . -21.19 8.48 -5.48
H201 JRQ H . -21.08 4.54 -3.74
H211 JRQ H . -21.61 4.06 -1.43
H012 JRQ H . -24.85 3.97 0.13
H011 JRQ H . -23.79 5.27 0.57
H013 JRQ H . -23.16 3.70 0.31
H031 JRQ H . -25.66 5.55 -2.25
H041 JRQ H . -25.10 5.98 -4.44
H061 JRQ H . -21.39 5.75 -5.64
H062 JRQ H . -22.49 4.55 -6.23
H081 JRQ H . -23.13 6.22 -8.65
H092 JRQ H . -20.94 5.36 -9.18
H091 JRQ H . -21.42 4.53 -7.75
H121 JRQ H . -18.53 8.89 -6.19
H122 JRQ H . -17.73 7.30 -5.83
H161 JRQ H . -21.46 10.01 -7.70
H182 JRQ H . -24.23 8.32 -6.34
H181 JRQ H . -23.50 7.70 -4.84
#